data_5U60
#
_entry.id   5U60
#
_cell.length_a   50.894
_cell.length_b   73.372
_cell.length_c   105.123
_cell.angle_alpha   90.000
_cell.angle_beta   90.000
_cell.angle_gamma   90.000
#
_symmetry.space_group_name_H-M   'P 21 21 21'
#
loop_
_entity.id
_entity.type
_entity.pdbx_description
1 polymer Peroxidase
2 non-polymer 'PROTOPORPHYRIN IX CONTAINING FE'
3 non-polymer (4E)-4-hydrazinylidene-1,4-dihydroquinoline
4 water water
#
_entity_poly.entity_id   1
_entity_poly.type   'polypeptide(L)'
_entity_poly.pdbx_seq_one_letter_code
;LVHVASVEKGRSYEDFQKVYNAIALKLREDDEYDNYIGYGPVLVRLAWHISGTWDKHDNTGGSYGGTYRFKKEFNDPSNA
GLQNGFKFLEPIHKEFPWISSGDLFSLGGVTAVQEMQGPKIPWRCGRVDTPEDTTPDNGRLPDADKDAGYVRTFFQRLNM
NDREVVALMGAHALGKTHLKNSGYEGGGANNVFTNEFYLNLLNEDWKLEKNDANNEQWDSKSGYMMLPTDYSLIQDPKYL
SIVKEYANDQDKFFKDFSKAFEKLLENGITFPKDAPSPFIFKTLEEQGL
;
_entity_poly.pdbx_strand_id   A
#
loop_
_chem_comp.id
_chem_comp.type
_chem_comp.name
_chem_comp.formula
7VS non-polymer (4E)-4-hydrazinylidene-1,4-dihydroquinoline 'C9 H9 N3'
HEM non-polymer 'PROTOPORPHYRIN IX CONTAINING FE' 'C34 H32 Fe N4 O4'
#
# COMPACT_ATOMS: atom_id res chain seq x y z
N LEU A 1 -7.26 17.17 17.78
CA LEU A 1 -6.57 17.32 16.47
C LEU A 1 -7.42 16.92 15.25
N VAL A 2 -7.83 17.94 14.50
CA VAL A 2 -8.72 17.80 13.39
C VAL A 2 -8.04 18.23 12.08
N HIS A 3 -8.13 17.38 11.06
N HIS A 3 -8.12 17.36 11.07
CA HIS A 3 -7.62 17.68 9.74
CA HIS A 3 -7.61 17.65 9.73
C HIS A 3 -8.75 17.73 8.74
C HIS A 3 -8.77 17.71 8.74
N VAL A 4 -9.19 18.93 8.37
CA VAL A 4 -10.30 19.08 7.45
C VAL A 4 -9.81 19.08 5.99
N ALA A 5 -10.41 18.21 5.18
CA ALA A 5 -10.15 18.20 3.72
C ALA A 5 -10.46 19.58 3.11
N SER A 6 -9.51 20.10 2.32
CA SER A 6 -9.70 21.37 1.61
C SER A 6 -9.33 21.19 0.17
N VAL A 7 -10.32 21.26 -0.71
CA VAL A 7 -10.06 20.98 -2.15
C VAL A 7 -9.07 22.00 -2.72
N GLU A 8 -8.06 21.52 -3.44
CA GLU A 8 -7.09 22.46 -4.05
C GLU A 8 -7.89 23.47 -4.88
N LYS A 9 -7.58 24.78 -4.76
CA LYS A 9 -8.48 25.78 -5.24
C LYS A 9 -8.82 25.64 -6.71
N GLY A 10 -10.12 25.59 -7.00
CA GLY A 10 -10.61 25.54 -8.38
C GLY A 10 -10.53 24.18 -9.05
N ARG A 11 -10.14 23.14 -8.33
CA ARG A 11 -9.90 21.84 -9.02
C ARG A 11 -11.13 20.92 -8.98
N SER A 12 -11.27 20.07 -9.97
CA SER A 12 -12.40 19.14 -10.04
C SER A 12 -11.91 17.84 -10.59
N TYR A 13 -12.84 16.93 -10.83
CA TYR A 13 -12.51 15.57 -11.22
C TYR A 13 -11.54 15.52 -12.39
N GLU A 14 -11.80 16.33 -13.42
CA GLU A 14 -10.99 16.25 -14.61
C GLU A 14 -9.53 16.64 -14.32
N ASP A 15 -9.30 17.56 -13.38
CA ASP A 15 -7.92 17.90 -13.01
C ASP A 15 -7.18 16.68 -12.44
N PHE A 16 -7.85 15.97 -11.56
CA PHE A 16 -7.21 14.82 -10.93
C PHE A 16 -7.07 13.66 -11.92
N GLN A 17 -8.02 13.50 -12.84
CA GLN A 17 -7.88 12.46 -13.86
C GLN A 17 -6.61 12.72 -14.69
N LYS A 18 -6.27 14.00 -14.89
CA LYS A 18 -5.03 14.33 -15.61
C LYS A 18 -3.80 13.87 -14.83
N VAL A 19 -3.82 14.02 -13.50
CA VAL A 19 -2.67 13.60 -12.72
C VAL A 19 -2.60 12.05 -12.74
N TYR A 20 -3.75 11.42 -12.53
CA TYR A 20 -3.85 9.95 -12.66
C TYR A 20 -3.21 9.54 -13.98
N ASN A 21 -3.61 10.19 -15.06
CA ASN A 21 -3.13 9.76 -16.38
C ASN A 21 -1.62 9.93 -16.52
N ALA A 22 -1.07 10.99 -15.94
CA ALA A 22 0.38 11.22 -16.05
C ALA A 22 1.13 10.14 -15.26
N ILE A 23 0.61 9.79 -14.07
CA ILE A 23 1.21 8.69 -13.33
C ILE A 23 1.13 7.39 -14.11
N ALA A 24 -0.06 7.11 -14.66
CA ALA A 24 -0.28 5.86 -15.36
C ALA A 24 0.59 5.74 -16.63
N LEU A 25 0.75 6.86 -17.34
CA LEU A 25 1.61 6.85 -18.51
C LEU A 25 3.07 6.63 -18.15
N LYS A 26 3.50 7.19 -17.04
CA LYS A 26 4.88 7.00 -16.61
C LYS A 26 5.08 5.57 -16.11
N LEU A 27 4.07 4.99 -15.47
CA LEU A 27 4.16 3.57 -15.07
C LEU A 27 4.40 2.68 -16.29
N ARG A 28 3.72 2.99 -17.38
CA ARG A 28 3.85 2.26 -18.62
C ARG A 28 5.26 2.50 -19.21
N GLU A 29 5.74 3.74 -19.13
CA GLU A 29 7.02 4.10 -19.77
C GLU A 29 8.25 3.50 -19.08
N ASP A 30 8.32 3.64 -17.76
CA ASP A 30 9.48 3.22 -16.99
C ASP A 30 9.35 1.77 -16.55
N ASP A 31 9.38 0.87 -17.52
CA ASP A 31 9.01 -0.52 -17.29
C ASP A 31 10.16 -1.36 -16.77
N GLU A 32 11.39 -0.88 -16.83
CA GLU A 32 12.56 -1.69 -16.50
C GLU A 32 12.88 -1.77 -15.00
N TYR A 33 12.32 -0.84 -14.21
CA TYR A 33 12.63 -0.72 -12.80
C TYR A 33 12.45 -2.04 -12.08
N ASP A 34 13.44 -2.35 -11.23
CA ASP A 34 13.38 -3.52 -10.35
C ASP A 34 13.17 -4.80 -11.18
N ASN A 35 14.09 -5.02 -12.12
CA ASN A 35 14.01 -6.16 -13.04
C ASN A 35 12.67 -6.33 -13.73
N TYR A 36 12.18 -5.22 -14.28
CA TYR A 36 10.96 -5.16 -15.08
C TYR A 36 9.66 -5.44 -14.33
N ILE A 37 9.70 -5.32 -13.00
CA ILE A 37 8.47 -5.24 -12.20
C ILE A 37 7.75 -3.93 -12.51
N GLY A 38 8.53 -2.88 -12.75
CA GLY A 38 7.96 -1.53 -12.84
C GLY A 38 7.66 -0.92 -11.47
N TYR A 39 7.16 0.32 -11.48
CA TYR A 39 7.02 1.08 -10.24
C TYR A 39 5.68 0.87 -9.52
N GLY A 40 4.81 0.02 -10.07
CA GLY A 40 3.48 -0.13 -9.51
C GLY A 40 3.51 -0.55 -8.03
N PRO A 41 4.22 -1.65 -7.74
CA PRO A 41 4.18 -2.12 -6.33
C PRO A 41 4.81 -1.14 -5.36
N VAL A 42 5.91 -0.48 -5.73
CA VAL A 42 6.53 0.42 -4.74
C VAL A 42 5.61 1.66 -4.50
N LEU A 43 4.83 2.06 -5.51
CA LEU A 43 3.87 3.16 -5.29
C LEU A 43 2.73 2.73 -4.35
N VAL A 44 2.31 1.46 -4.43
CA VAL A 44 1.28 0.96 -3.51
C VAL A 44 1.85 0.98 -2.10
N ARG A 45 3.10 0.52 -1.95
CA ARG A 45 3.70 0.48 -0.63
C ARG A 45 3.90 1.88 -0.10
N LEU A 46 4.25 2.83 -0.97
CA LEU A 46 4.40 4.19 -0.53
C LEU A 46 3.07 4.75 0.02
N ALA A 47 1.98 4.54 -0.69
CA ALA A 47 0.68 5.07 -0.25
C ALA A 47 0.33 4.43 1.10
N TRP A 48 0.67 3.14 1.28
CA TRP A 48 0.36 2.51 2.56
C TRP A 48 1.27 3.03 3.68
N HIS A 49 2.56 3.22 3.42
CA HIS A 49 3.41 3.71 4.50
C HIS A 49 3.18 5.18 4.90
N ILE A 50 2.77 6.04 3.96
CA ILE A 50 2.42 7.41 4.36
C ILE A 50 1.10 7.42 5.15
N SER A 51 0.27 6.36 5.00
CA SER A 51 -1.01 6.31 5.70
C SER A 51 -0.91 5.53 7.00
N GLY A 52 -0.01 4.54 7.03
CA GLY A 52 0.11 3.61 8.15
C GLY A 52 0.80 4.15 9.40
N THR A 53 1.25 5.41 9.37
CA THR A 53 1.71 6.09 10.57
C THR A 53 0.58 6.61 11.44
N TRP A 54 -0.65 6.52 10.95
CA TRP A 54 -1.77 7.11 11.67
C TRP A 54 -1.99 6.47 13.07
N ASP A 55 -2.38 7.28 14.03
CA ASP A 55 -2.78 6.78 15.34
C ASP A 55 -4.19 7.25 15.65
N LYS A 56 -5.14 6.32 15.77
CA LYS A 56 -6.54 6.70 15.99
C LYS A 56 -6.73 7.40 17.33
N HIS A 57 -5.83 7.21 18.28
CA HIS A 57 -6.02 7.77 19.61
C HIS A 57 -5.86 9.26 19.65
N ASP A 58 -4.93 9.82 18.88
CA ASP A 58 -4.76 11.27 18.91
C ASP A 58 -4.76 11.93 17.53
N ASN A 59 -5.09 11.16 16.50
CA ASN A 59 -5.10 11.62 15.11
C ASN A 59 -3.76 12.21 14.64
N THR A 60 -2.64 11.68 15.14
CA THR A 60 -1.34 12.04 14.58
C THR A 60 -0.97 11.09 13.43
N GLY A 61 -0.05 11.48 12.58
CA GLY A 61 0.28 10.62 11.44
C GLY A 61 -0.81 10.64 10.38
N GLY A 62 -0.77 9.62 9.51
CA GLY A 62 -1.72 9.46 8.41
C GLY A 62 -1.34 10.27 7.18
N SER A 63 -2.11 10.07 6.12
CA SER A 63 -1.75 10.66 4.81
C SER A 63 -1.91 12.18 4.72
N TYR A 64 -2.75 12.77 5.56
CA TYR A 64 -3.18 14.15 5.33
C TYR A 64 -2.05 15.17 5.09
N GLY A 65 -1.07 15.18 5.98
CA GLY A 65 -0.09 16.26 5.98
C GLY A 65 1.06 16.13 4.99
N GLY A 66 1.14 15.01 4.28
CA GLY A 66 2.18 14.81 3.27
C GLY A 66 3.59 14.79 3.84
N THR A 67 3.73 14.33 5.07
CA THR A 67 4.94 14.56 5.82
C THR A 67 6.11 13.64 5.45
N TYR A 68 5.83 12.65 4.61
CA TYR A 68 6.93 11.80 4.10
C TYR A 68 7.95 12.66 3.32
N ARG A 69 7.57 13.87 2.92
CA ARG A 69 8.52 14.72 2.23
C ARG A 69 9.62 15.25 3.16
N PHE A 70 9.45 15.06 4.47
CA PHE A 70 10.46 15.53 5.43
C PHE A 70 11.45 14.43 5.84
N LYS A 71 12.70 14.84 6.11
CA LYS A 71 13.82 13.92 6.39
C LYS A 71 13.51 12.88 7.44
N LYS A 72 12.88 13.28 8.55
CA LYS A 72 12.69 12.29 9.60
C LYS A 72 11.89 11.06 9.08
N GLU A 73 10.86 11.33 8.30
CA GLU A 73 10.00 10.23 7.83
C GLU A 73 10.61 9.55 6.60
N PHE A 74 11.17 10.35 5.70
CA PHE A 74 11.81 9.87 4.51
C PHE A 74 12.92 8.88 4.88
N ASN A 75 13.61 9.16 5.97
CA ASN A 75 14.72 8.32 6.39
C ASN A 75 14.38 7.24 7.44
N ASP A 76 13.11 7.11 7.77
CA ASP A 76 12.64 5.97 8.61
C ASP A 76 13.19 4.66 8.03
N PRO A 77 13.91 3.85 8.83
CA PRO A 77 14.35 2.54 8.34
C PRO A 77 13.20 1.69 7.74
N SER A 78 11.99 1.83 8.28
CA SER A 78 10.82 1.11 7.76
C SER A 78 10.47 1.50 6.36
N ASN A 79 10.95 2.67 5.95
CA ASN A 79 10.63 3.20 4.62
C ASN A 79 11.75 2.98 3.60
N ALA A 80 12.71 2.12 3.94
CA ALA A 80 13.86 1.94 3.06
C ALA A 80 13.40 1.36 1.74
N GLY A 81 13.76 2.02 0.65
CA GLY A 81 13.36 1.63 -0.69
C GLY A 81 12.23 2.51 -1.27
N LEU A 82 11.46 3.21 -0.42
CA LEU A 82 10.35 4.00 -0.92
C LEU A 82 10.83 5.25 -1.61
N GLN A 83 12.10 5.60 -1.40
CA GLN A 83 12.67 6.76 -2.09
C GLN A 83 12.53 6.59 -3.60
N ASN A 84 12.52 5.34 -4.06
CA ASN A 84 12.33 5.13 -5.48
C ASN A 84 10.96 5.61 -5.96
N GLY A 85 9.94 5.39 -5.13
CA GLY A 85 8.60 5.82 -5.50
C GLY A 85 8.52 7.33 -5.42
N PHE A 86 9.17 7.93 -4.42
CA PHE A 86 9.23 9.40 -4.32
C PHE A 86 9.87 10.03 -5.56
N LYS A 87 10.97 9.45 -6.03
CA LYS A 87 11.62 9.97 -7.22
C LYS A 87 10.76 9.80 -8.48
N PHE A 88 10.00 8.71 -8.57
CA PHE A 88 9.06 8.49 -9.66
C PHE A 88 8.03 9.64 -9.73
N LEU A 89 7.53 10.01 -8.56
CA LEU A 89 6.48 10.99 -8.48
C LEU A 89 6.96 12.41 -8.65
N GLU A 90 8.27 12.64 -8.49
CA GLU A 90 8.78 14.01 -8.45
C GLU A 90 8.50 14.77 -9.75
N PRO A 91 8.73 14.15 -10.93
CA PRO A 91 8.36 14.87 -12.17
C PRO A 91 6.88 15.09 -12.35
N ILE A 92 6.06 14.22 -11.74
CA ILE A 92 4.61 14.37 -11.82
C ILE A 92 4.22 15.61 -11.02
N HIS A 93 4.83 15.77 -9.85
CA HIS A 93 4.53 16.91 -9.02
C HIS A 93 4.98 18.20 -9.71
N LYS A 94 6.11 18.14 -10.42
CA LYS A 94 6.60 19.29 -11.14
C LYS A 94 5.64 19.71 -12.26
N GLU A 95 4.99 18.73 -12.88
CA GLU A 95 4.03 19.00 -13.92
C GLU A 95 2.71 19.54 -13.38
N PHE A 96 2.35 19.09 -12.18
CA PHE A 96 1.11 19.46 -11.56
C PHE A 96 1.34 20.01 -10.16
N PRO A 97 2.01 21.14 -10.03
CA PRO A 97 2.44 21.59 -8.69
C PRO A 97 1.28 22.08 -7.83
N TRP A 98 0.08 22.15 -8.40
CA TRP A 98 -1.08 22.55 -7.59
C TRP A 98 -1.54 21.45 -6.60
N ILE A 99 -1.17 20.18 -6.83
CA ILE A 99 -1.69 19.12 -5.98
C ILE A 99 -0.86 18.99 -4.71
N SER A 100 -1.53 18.71 -3.59
CA SER A 100 -0.80 18.54 -2.32
C SER A 100 0.03 17.27 -2.34
N SER A 101 1.03 17.18 -1.45
CA SER A 101 1.90 15.99 -1.35
C SER A 101 1.12 14.77 -0.94
N GLY A 102 0.25 14.92 0.07
CA GLY A 102 -0.53 13.79 0.52
C GLY A 102 -1.48 13.29 -0.56
N ASP A 103 -2.08 14.21 -1.31
CA ASP A 103 -2.96 13.80 -2.40
C ASP A 103 -2.15 13.09 -3.47
N LEU A 104 -0.96 13.57 -3.78
CA LEU A 104 -0.14 12.92 -4.81
C LEU A 104 0.27 11.53 -4.35
N PHE A 105 0.77 11.42 -3.14
CA PHE A 105 1.26 10.09 -2.69
C PHE A 105 0.12 9.05 -2.68
N SER A 106 -1.05 9.45 -2.17
CA SER A 106 -2.15 8.51 -2.08
C SER A 106 -2.68 8.20 -3.48
N LEU A 107 -2.77 9.22 -4.35
CA LEU A 107 -3.26 9.02 -5.70
C LEU A 107 -2.31 8.09 -6.47
N GLY A 108 -1.02 8.19 -6.18
CA GLY A 108 -0.07 7.26 -6.77
C GLY A 108 -0.41 5.79 -6.48
N GLY A 109 -0.81 5.51 -5.23
CA GLY A 109 -1.17 4.13 -4.86
C GLY A 109 -2.45 3.69 -5.57
N VAL A 110 -3.46 4.56 -5.62
CA VAL A 110 -4.69 4.25 -6.31
C VAL A 110 -4.42 3.98 -7.79
N THR A 111 -3.62 4.85 -8.41
CA THR A 111 -3.34 4.70 -9.84
C THR A 111 -2.63 3.34 -10.07
N ALA A 112 -1.63 3.06 -9.25
CA ALA A 112 -0.90 1.81 -9.41
C ALA A 112 -1.82 0.58 -9.26
N VAL A 113 -2.68 0.56 -8.24
CA VAL A 113 -3.56 -0.59 -8.08
C VAL A 113 -4.43 -0.75 -9.32
N GLN A 114 -5.02 0.36 -9.81
CA GLN A 114 -5.93 0.22 -10.95
C GLN A 114 -5.19 -0.16 -12.23
N GLU A 115 -4.04 0.45 -12.45
CA GLU A 115 -3.29 0.17 -13.68
C GLU A 115 -2.72 -1.26 -13.69
N MET A 116 -2.50 -1.85 -12.50
CA MET A 116 -2.11 -3.27 -12.40
C MET A 116 -3.32 -4.22 -12.46
N GLN A 117 -4.46 -3.70 -12.93
CA GLN A 117 -5.70 -4.49 -13.14
C GLN A 117 -6.39 -4.88 -11.84
N GLY A 118 -6.15 -4.11 -10.81
CA GLY A 118 -6.82 -4.31 -9.53
C GLY A 118 -8.19 -3.64 -9.52
N PRO A 119 -8.85 -3.66 -8.38
CA PRO A 119 -10.17 -3.03 -8.29
C PRO A 119 -10.10 -1.52 -8.46
N LYS A 120 -11.22 -0.92 -8.86
CA LYS A 120 -11.34 0.53 -8.72
C LYS A 120 -11.29 0.92 -7.25
N ILE A 121 -10.56 1.96 -6.93
CA ILE A 121 -10.49 2.50 -5.58
C ILE A 121 -11.00 3.92 -5.59
N PRO A 122 -12.18 4.17 -5.03
CA PRO A 122 -12.60 5.58 -4.95
C PRO A 122 -11.61 6.40 -4.16
N TRP A 123 -11.45 7.64 -4.58
CA TRP A 123 -10.40 8.48 -4.02
C TRP A 123 -10.91 9.91 -3.80
N ARG A 124 -10.58 10.51 -2.65
CA ARG A 124 -11.02 11.85 -2.33
C ARG A 124 -9.83 12.76 -2.24
N CYS A 125 -10.01 13.98 -2.73
CA CYS A 125 -8.94 15.00 -2.66
C CYS A 125 -9.05 15.86 -1.42
N GLY A 126 -8.02 16.67 -1.20
CA GLY A 126 -8.15 17.69 -0.15
C GLY A 126 -7.18 17.58 1.01
N ARG A 127 -6.25 16.63 0.95
CA ARG A 127 -5.19 16.58 1.94
C ARG A 127 -4.40 17.89 1.83
N VAL A 128 -3.92 18.41 2.96
CA VAL A 128 -3.22 19.69 2.97
C VAL A 128 -1.86 19.55 3.60
N ASP A 129 -0.80 20.02 2.92
CA ASP A 129 0.57 19.92 3.45
C ASP A 129 0.67 20.59 4.80
N THR A 130 1.25 19.89 5.78
CA THR A 130 1.42 20.44 7.12
C THR A 130 2.92 20.58 7.40
N PRO A 131 3.28 21.40 8.40
CA PRO A 131 4.70 21.72 8.65
C PRO A 131 5.57 20.54 9.15
N GLU A 132 6.90 20.75 9.07
CA GLU A 132 7.85 19.69 9.41
C GLU A 132 7.63 19.14 10.82
N ASP A 133 7.23 20.02 11.76
CA ASP A 133 7.06 19.57 13.14
C ASP A 133 5.80 18.72 13.36
N THR A 134 5.01 18.46 12.31
CA THR A 134 3.89 17.53 12.40
C THR A 134 4.30 16.11 11.93
N THR A 135 5.57 15.96 11.57
CA THR A 135 6.01 14.64 11.08
C THR A 135 6.04 13.64 12.24
N PRO A 136 5.40 12.47 12.04
CA PRO A 136 5.42 11.49 13.14
C PRO A 136 6.79 10.88 13.31
N ASP A 137 7.14 10.52 14.54
CA ASP A 137 8.38 9.78 14.80
C ASP A 137 8.36 8.42 14.11
N ASN A 138 9.57 7.93 13.80
CA ASN A 138 9.81 6.57 13.29
C ASN A 138 9.32 5.53 14.28
N GLY A 139 8.97 4.34 13.78
CA GLY A 139 8.60 3.25 14.66
C GLY A 139 7.12 2.94 14.69
N ARG A 140 6.33 3.64 13.87
CA ARG A 140 4.87 3.39 13.82
C ARG A 140 4.44 2.35 12.79
N LEU A 141 5.34 1.95 11.90
CA LEU A 141 5.01 0.97 10.87
C LEU A 141 5.35 -0.42 11.41
N PRO A 142 4.71 -1.46 10.88
CA PRO A 142 4.79 -2.77 11.59
C PRO A 142 6.07 -3.59 11.36
N ASP A 143 6.42 -4.42 12.36
CA ASP A 143 7.50 -5.42 12.23
C ASP A 143 7.05 -6.65 11.46
N ALA A 144 7.94 -7.29 10.70
CA ALA A 144 7.59 -8.45 9.89
C ALA A 144 7.90 -9.77 10.60
N ASP A 145 8.60 -9.72 11.73
CA ASP A 145 9.07 -10.96 12.36
C ASP A 145 8.15 -11.51 13.45
N LYS A 146 6.91 -11.06 13.44
CA LYS A 146 5.99 -11.21 14.54
C LYS A 146 4.87 -12.19 14.17
N ASP A 147 3.95 -12.42 15.12
N ASP A 147 3.96 -12.44 15.11
CA ASP A 147 2.89 -13.40 14.91
CA ASP A 147 2.91 -13.43 14.88
C ASP A 147 1.52 -12.77 14.76
C ASP A 147 1.54 -12.79 14.70
N ALA A 148 0.50 -13.61 14.72
CA ALA A 148 -0.85 -13.14 14.41
C ALA A 148 -1.38 -12.18 15.47
N GLY A 149 -1.06 -12.46 16.73
CA GLY A 149 -1.52 -11.55 17.79
C GLY A 149 -0.93 -10.15 17.65
N TYR A 150 0.33 -10.10 17.25
CA TYR A 150 0.99 -8.80 17.01
C TYR A 150 0.32 -8.07 15.85
N VAL A 151 0.04 -8.80 14.76
CA VAL A 151 -0.61 -8.21 13.59
C VAL A 151 -1.97 -7.63 13.98
N ARG A 152 -2.75 -8.42 14.72
CA ARG A 152 -4.11 -8.00 15.11
C ARG A 152 -4.08 -6.72 15.97
N THR A 153 -3.22 -6.71 16.97
CA THR A 153 -3.08 -5.57 17.86
C THR A 153 -2.56 -4.34 17.10
N PHE A 154 -1.56 -4.56 16.25
CA PHE A 154 -0.96 -3.47 15.49
C PHE A 154 -2.04 -2.73 14.72
N PHE A 155 -2.84 -3.49 13.98
CA PHE A 155 -3.81 -2.86 13.09
C PHE A 155 -5.03 -2.26 13.82
N GLN A 156 -5.22 -2.63 15.10
CA GLN A 156 -6.26 -1.92 15.89
C GLN A 156 -5.95 -0.40 15.98
N ARG A 157 -4.67 -0.05 15.92
CA ARG A 157 -4.27 1.37 16.04
C ARG A 157 -4.71 2.15 14.80
N LEU A 158 -4.85 1.43 13.67
CA LEU A 158 -5.34 1.98 12.41
C LEU A 158 -6.83 1.77 12.24
N ASN A 159 -7.49 1.34 13.31
CA ASN A 159 -8.91 1.00 13.27
C ASN A 159 -9.30 -0.02 12.20
N MET A 160 -8.46 -1.04 12.05
CA MET A 160 -8.76 -2.11 11.08
C MET A 160 -9.13 -3.40 11.83
N ASN A 161 -10.17 -4.08 11.35
CA ASN A 161 -10.59 -5.36 11.93
C ASN A 161 -9.95 -6.54 11.17
N ASP A 162 -10.25 -7.78 11.57
N ASP A 162 -10.28 -7.78 11.56
CA ASP A 162 -9.61 -8.94 10.93
CA ASP A 162 -9.65 -8.94 10.91
C ASP A 162 -9.85 -8.97 9.41
C ASP A 162 -9.85 -8.98 9.38
N ARG A 163 -11.08 -8.72 8.98
N ARG A 163 -11.06 -8.73 8.90
CA ARG A 163 -11.37 -8.79 7.56
CA ARG A 163 -11.29 -8.83 7.46
C ARG A 163 -10.57 -7.74 6.80
C ARG A 163 -10.52 -7.75 6.73
N GLU A 164 -10.51 -6.52 7.34
N GLU A 164 -10.48 -6.55 7.31
CA GLU A 164 -9.75 -5.45 6.70
CA GLU A 164 -9.73 -5.44 6.69
C GLU A 164 -8.24 -5.77 6.63
C GLU A 164 -8.23 -5.76 6.63
N VAL A 165 -7.72 -6.36 7.71
CA VAL A 165 -6.30 -6.69 7.76
C VAL A 165 -5.98 -7.75 6.68
N VAL A 166 -6.80 -8.82 6.65
CA VAL A 166 -6.50 -9.89 5.73
C VAL A 166 -6.64 -9.38 4.27
N ALA A 167 -7.65 -8.55 4.00
CA ALA A 167 -7.77 -7.96 2.65
C ALA A 167 -6.59 -7.08 2.31
N LEU A 168 -6.15 -6.20 3.21
CA LEU A 168 -5.00 -5.30 2.90
C LEU A 168 -3.76 -6.11 2.59
N MET A 169 -3.56 -7.24 3.32
N MET A 169 -3.56 -7.21 3.30
CA MET A 169 -2.31 -7.99 3.15
CA MET A 169 -2.31 -7.95 3.14
C MET A 169 -2.23 -8.64 1.78
C MET A 169 -2.25 -8.70 1.81
N GLY A 170 -3.37 -8.76 1.07
CA GLY A 170 -3.37 -9.34 -0.27
C GLY A 170 -2.49 -8.51 -1.21
N ALA A 171 -2.17 -7.25 -0.84
CA ALA A 171 -1.19 -6.50 -1.63
C ALA A 171 0.20 -7.13 -1.67
N HIS A 172 0.45 -8.11 -0.79
CA HIS A 172 1.72 -8.82 -0.82
C HIS A 172 1.78 -9.85 -1.97
N ALA A 173 0.79 -9.84 -2.86
CA ALA A 173 1.00 -10.47 -4.15
C ALA A 173 1.93 -9.62 -5.04
N LEU A 174 2.06 -8.33 -4.69
CA LEU A 174 2.73 -7.38 -5.58
C LEU A 174 4.22 -7.17 -5.27
N GLY A 175 5.04 -7.05 -6.32
CA GLY A 175 6.44 -6.65 -6.11
C GLY A 175 7.22 -7.78 -5.49
N LYS A 176 8.13 -7.44 -4.56
CA LYS A 176 8.97 -8.43 -3.91
C LYS A 176 9.68 -7.81 -2.72
N THR A 177 10.30 -8.64 -1.91
CA THR A 177 11.14 -8.13 -0.86
C THR A 177 12.57 -7.95 -1.41
N HIS A 178 13.33 -7.08 -0.75
CA HIS A 178 14.71 -6.82 -1.13
C HIS A 178 15.58 -6.87 0.12
N LEU A 179 16.55 -7.80 0.15
CA LEU A 179 17.37 -7.98 1.34
C LEU A 179 17.94 -6.66 1.85
N LYS A 180 18.44 -5.83 0.94
CA LYS A 180 19.08 -4.56 1.30
C LYS A 180 18.12 -3.54 1.91
N ASN A 181 16.82 -3.64 1.60
CA ASN A 181 15.80 -2.73 2.15
C ASN A 181 15.33 -3.19 3.55
N SER A 182 14.96 -4.48 3.63
CA SER A 182 14.16 -4.93 4.76
C SER A 182 14.73 -6.17 5.45
N GLY A 183 15.80 -6.75 4.91
N GLY A 183 15.80 -6.75 4.91
CA GLY A 183 16.31 -8.00 5.48
CA GLY A 183 16.32 -7.98 5.49
C GLY A 183 15.53 -9.27 5.17
C GLY A 183 15.54 -9.24 5.14
N TYR A 184 14.71 -9.21 4.12
N TYR A 184 14.71 -9.15 4.11
CA TYR A 184 14.00 -10.38 3.60
CA TYR A 184 13.98 -10.30 3.58
C TYR A 184 14.33 -10.57 2.15
C TYR A 184 14.27 -10.46 2.11
N GLU A 185 14.64 -11.79 1.70
N GLU A 185 14.24 -11.69 1.60
CA GLU A 185 14.96 -11.81 0.27
CA GLU A 185 14.57 -11.77 0.17
C GLU A 185 13.85 -12.43 -0.52
C GLU A 185 13.71 -12.73 -0.62
N GLY A 186 13.60 -11.77 -1.63
N GLY A 186 13.44 -12.32 -1.86
CA GLY A 186 12.41 -11.95 -2.43
CA GLY A 186 12.69 -13.13 -2.79
C GLY A 186 12.39 -13.13 -3.36
C GLY A 186 11.22 -12.79 -2.79
N GLY A 187 11.17 -13.47 -3.74
N GLY A 187 10.43 -13.64 -3.43
CA GLY A 187 10.90 -14.50 -4.72
CA GLY A 187 9.03 -13.37 -3.60
C GLY A 187 9.48 -14.21 -5.14
C GLY A 187 8.58 -13.43 -5.05
N GLY A 188 9.07 -14.71 -6.30
N GLY A 188 9.53 -13.40 -5.98
CA GLY A 188 7.68 -14.65 -6.72
CA GLY A 188 9.21 -13.40 -7.39
C GLY A 188 7.18 -13.27 -7.10
C GLY A 188 9.17 -12.02 -8.02
N ALA A 189 8.07 -12.52 -7.77
N ALA A 189 8.32 -11.79 -9.01
CA ALA A 189 7.77 -11.13 -8.16
CA ALA A 189 8.30 -10.47 -9.65
C ALA A 189 6.55 -11.04 -9.08
C ALA A 189 6.94 -10.08 -10.25
N ASN A 190 5.72 -10.04 -8.87
N ASN A 190 5.89 -10.27 -9.48
CA ASN A 190 4.58 -9.89 -9.75
CA ASN A 190 4.55 -9.99 -9.98
C ASN A 190 4.09 -8.43 -9.83
C ASN A 190 4.14 -8.50 -9.96
N ASN A 191 3.48 -8.05 -10.94
N ASN A 191 3.50 -8.05 -11.05
CA ASN A 191 2.99 -6.66 -11.11
CA ASN A 191 3.00 -6.66 -11.17
C ASN A 191 1.57 -6.63 -11.66
C ASN A 191 1.57 -6.64 -11.70
N VAL A 192 0.84 -7.73 -11.45
CA VAL A 192 -0.58 -7.80 -11.78
C VAL A 192 -1.33 -8.06 -10.46
N PHE A 193 -2.35 -7.24 -10.19
CA PHE A 193 -3.12 -7.33 -8.95
C PHE A 193 -4.14 -8.48 -9.03
N THR A 194 -3.94 -9.53 -8.22
CA THR A 194 -4.83 -10.71 -8.19
C THR A 194 -4.99 -11.13 -6.76
N ASN A 195 -5.77 -12.17 -6.51
CA ASN A 195 -5.84 -12.79 -5.18
C ASN A 195 -4.79 -13.90 -4.95
N GLU A 196 -3.68 -13.88 -5.71
N GLU A 196 -3.68 -13.90 -5.70
CA GLU A 196 -2.68 -14.93 -5.65
CA GLU A 196 -2.75 -15.04 -5.61
C GLU A 196 -2.05 -15.09 -4.27
C GLU A 196 -2.01 -15.09 -4.27
N PHE A 197 -1.98 -14.01 -3.49
CA PHE A 197 -1.37 -14.10 -2.13
C PHE A 197 -2.05 -15.21 -1.34
N TYR A 198 -3.38 -15.26 -1.46
CA TYR A 198 -4.14 -16.22 -0.62
C TYR A 198 -4.01 -17.61 -1.18
N LEU A 199 -4.04 -17.71 -2.52
CA LEU A 199 -3.87 -19.02 -3.16
C LEU A 199 -2.49 -19.60 -2.82
N ASN A 200 -1.46 -18.78 -2.86
CA ASN A 200 -0.12 -19.26 -2.57
C ASN A 200 -0.02 -19.73 -1.10
N LEU A 201 -0.55 -18.91 -0.18
CA LEU A 201 -0.54 -19.31 1.23
C LEU A 201 -1.14 -20.72 1.40
N LEU A 202 -2.27 -20.97 0.76
CA LEU A 202 -3.00 -22.24 0.99
C LEU A 202 -2.42 -23.41 0.21
N ASN A 203 -1.84 -23.14 -0.97
CA ASN A 203 -1.48 -24.24 -1.86
C ASN A 203 -0.02 -24.59 -1.99
N GLU A 204 0.87 -23.67 -1.60
CA GLU A 204 2.30 -23.95 -1.70
C GLU A 204 2.77 -24.80 -0.52
N ASP A 205 3.87 -25.52 -0.75
CA ASP A 205 4.50 -26.30 0.30
C ASP A 205 5.58 -25.42 0.95
N TRP A 206 5.27 -24.89 2.13
CA TRP A 206 6.11 -23.88 2.76
C TRP A 206 7.12 -24.54 3.74
N LYS A 207 8.34 -23.99 3.77
CA LYS A 207 9.37 -24.43 4.71
C LYS A 207 9.96 -23.21 5.40
N LEU A 208 9.98 -23.21 6.73
CA LEU A 208 10.60 -22.11 7.46
C LEU A 208 12.12 -22.15 7.34
N GLU A 209 12.71 -21.05 6.90
CA GLU A 209 14.17 -21.01 6.70
C GLU A 209 14.75 -19.73 7.28
N LYS A 210 16.06 -19.69 7.45
CA LYS A 210 16.73 -18.48 7.90
C LYS A 210 17.52 -17.87 6.74
N ASN A 211 17.23 -16.61 6.38
CA ASN A 211 17.87 -16.04 5.20
C ASN A 211 19.27 -15.47 5.49
N ASP A 212 19.90 -14.88 4.49
CA ASP A 212 21.28 -14.39 4.65
C ASP A 212 21.39 -13.16 5.57
N ALA A 213 20.28 -12.56 5.97
CA ALA A 213 20.31 -11.46 6.96
C ALA A 213 19.97 -11.97 8.35
N ASN A 214 19.90 -13.30 8.47
CA ASN A 214 19.60 -13.99 9.72
C ASN A 214 18.18 -13.85 10.19
N ASN A 215 17.27 -13.48 9.29
CA ASN A 215 15.86 -13.41 9.65
C ASN A 215 15.12 -14.63 9.18
N GLU A 216 14.08 -15.02 9.90
CA GLU A 216 13.29 -16.16 9.45
C GLU A 216 12.26 -15.73 8.39
N GLN A 217 12.05 -16.60 7.39
CA GLN A 217 10.98 -16.41 6.40
C GLN A 217 10.57 -17.76 5.89
N TRP A 218 9.35 -17.82 5.36
CA TRP A 218 8.79 -19.05 4.82
C TRP A 218 9.02 -19.10 3.32
N ASP A 219 9.64 -20.19 2.83
CA ASP A 219 10.01 -20.31 1.41
C ASP A 219 9.33 -21.51 0.79
N SER A 220 8.88 -21.39 -0.45
CA SER A 220 8.31 -22.55 -1.16
C SER A 220 9.26 -23.01 -2.26
N LYS A 221 9.11 -24.26 -2.71
CA LYS A 221 10.00 -24.78 -3.76
C LYS A 221 9.82 -24.03 -5.08
N SER A 222 8.63 -23.46 -5.28
CA SER A 222 8.32 -22.65 -6.47
C SER A 222 9.07 -21.33 -6.47
N GLY A 223 9.63 -20.94 -5.34
CA GLY A 223 10.32 -19.68 -5.25
C GLY A 223 9.53 -18.53 -4.62
N TYR A 224 8.36 -18.82 -4.06
CA TYR A 224 7.57 -17.78 -3.36
C TYR A 224 8.08 -17.69 -1.94
N MET A 225 7.79 -16.58 -1.30
CA MET A 225 8.13 -16.42 0.10
C MET A 225 7.07 -15.68 0.85
N MET A 226 7.04 -15.92 2.16
CA MET A 226 6.10 -15.27 3.05
C MET A 226 6.86 -14.77 4.28
N LEU A 227 6.55 -13.54 4.70
CA LEU A 227 7.03 -13.03 5.97
C LEU A 227 6.39 -13.82 7.09
N PRO A 228 7.01 -13.85 8.28
CA PRO A 228 6.29 -14.49 9.41
C PRO A 228 4.90 -13.86 9.63
N THR A 229 4.77 -12.55 9.44
CA THR A 229 3.48 -11.90 9.64
C THR A 229 2.48 -12.34 8.54
N ASP A 230 2.95 -12.59 7.32
CA ASP A 230 2.08 -13.13 6.24
C ASP A 230 1.58 -14.53 6.64
N TYR A 231 2.55 -15.38 7.03
CA TYR A 231 2.26 -16.75 7.32
C TYR A 231 1.33 -16.84 8.56
N SER A 232 1.39 -15.86 9.45
CA SER A 232 0.51 -15.85 10.60
C SER A 232 -0.98 -15.85 10.19
N LEU A 233 -1.30 -15.37 8.99
CA LEU A 233 -2.71 -15.40 8.53
C LEU A 233 -3.25 -16.80 8.30
N ILE A 234 -2.38 -17.82 8.19
CA ILE A 234 -2.93 -19.19 8.13
C ILE A 234 -2.67 -19.96 9.43
N GLN A 235 -1.94 -19.36 10.36
CA GLN A 235 -1.75 -19.96 11.70
C GLN A 235 -2.89 -19.63 12.66
N ASP A 236 -3.48 -18.46 12.48
CA ASP A 236 -4.58 -18.03 13.31
C ASP A 236 -5.90 -18.47 12.69
N PRO A 237 -6.76 -19.14 13.48
CA PRO A 237 -7.96 -19.71 12.85
C PRO A 237 -8.93 -18.66 12.32
N LYS A 238 -8.97 -17.47 12.92
CA LYS A 238 -9.87 -16.42 12.42
C LYS A 238 -9.37 -15.84 11.12
N TYR A 239 -8.07 -15.59 11.08
CA TYR A 239 -7.49 -15.11 9.79
C TYR A 239 -7.63 -16.20 8.71
N LEU A 240 -7.40 -17.47 9.09
CA LEU A 240 -7.41 -18.53 8.11
C LEU A 240 -8.75 -18.60 7.36
N SER A 241 -9.87 -18.47 8.08
CA SER A 241 -11.17 -18.51 7.44
C SER A 241 -11.27 -17.43 6.34
N ILE A 242 -10.73 -16.24 6.63
CA ILE A 242 -10.86 -15.13 5.67
C ILE A 242 -9.91 -15.35 4.50
N VAL A 243 -8.72 -15.91 4.79
CA VAL A 243 -7.79 -16.25 3.70
C VAL A 243 -8.47 -17.23 2.71
N LYS A 244 -9.15 -18.24 3.27
CA LYS A 244 -9.85 -19.21 2.41
C LYS A 244 -10.98 -18.53 1.62
N GLU A 245 -11.68 -17.59 2.25
CA GLU A 245 -12.73 -16.87 1.54
C GLU A 245 -12.16 -16.12 0.31
N TYR A 246 -11.07 -15.39 0.54
CA TYR A 246 -10.51 -14.61 -0.58
C TYR A 246 -9.87 -15.49 -1.66
N ALA A 247 -9.26 -16.62 -1.24
CA ALA A 247 -8.69 -17.56 -2.18
C ALA A 247 -9.76 -18.13 -3.11
N ASN A 248 -11.00 -18.14 -2.64
CA ASN A 248 -12.08 -18.71 -3.41
C ASN A 248 -13.09 -17.72 -4.04
N ASP A 249 -12.82 -16.45 -3.90
CA ASP A 249 -13.73 -15.44 -4.40
C ASP A 249 -12.95 -14.17 -4.76
N GLN A 250 -12.48 -14.10 -6.00
CA GLN A 250 -11.71 -12.97 -6.48
C GLN A 250 -12.48 -11.67 -6.36
N ASP A 251 -13.76 -11.71 -6.74
CA ASP A 251 -14.53 -10.48 -6.70
C ASP A 251 -14.71 -9.93 -5.30
N LYS A 252 -14.94 -10.83 -4.34
CA LYS A 252 -15.08 -10.44 -2.94
C LYS A 252 -13.78 -9.82 -2.42
N PHE A 253 -12.66 -10.45 -2.75
CA PHE A 253 -11.37 -9.88 -2.37
C PHE A 253 -11.23 -8.43 -2.95
N PHE A 254 -11.52 -8.28 -4.25
CA PHE A 254 -11.37 -6.95 -4.88
C PHE A 254 -12.26 -5.92 -4.16
N LYS A 255 -13.50 -6.29 -3.88
CA LYS A 255 -14.40 -5.34 -3.24
C LYS A 255 -13.95 -4.97 -1.82
N ASP A 256 -13.51 -5.98 -1.07
CA ASP A 256 -13.09 -5.73 0.31
C ASP A 256 -11.75 -4.96 0.34
N PHE A 257 -10.84 -5.28 -0.57
CA PHE A 257 -9.58 -4.55 -0.63
C PHE A 257 -9.87 -3.06 -0.96
N SER A 258 -10.73 -2.84 -1.94
CA SER A 258 -11.02 -1.47 -2.36
C SER A 258 -11.50 -0.65 -1.13
N LYS A 259 -12.46 -1.18 -0.38
CA LYS A 259 -12.95 -0.47 0.77
C LYS A 259 -11.87 -0.24 1.81
N ALA A 260 -11.09 -1.29 2.10
CA ALA A 260 -10.10 -1.14 3.15
C ALA A 260 -9.01 -0.17 2.76
N PHE A 261 -8.59 -0.23 1.48
CA PHE A 261 -7.51 0.61 1.03
C PHE A 261 -7.93 2.10 0.98
N GLU A 262 -9.14 2.37 0.51
CA GLU A 262 -9.67 3.74 0.58
C GLU A 262 -9.72 4.21 2.06
N LYS A 263 -10.19 3.35 2.92
CA LYS A 263 -10.24 3.71 4.34
C LYS A 263 -8.86 4.04 4.88
N LEU A 264 -7.91 3.16 4.61
CA LEU A 264 -6.55 3.36 5.03
C LEU A 264 -6.02 4.76 4.59
N LEU A 265 -6.25 5.06 3.32
CA LEU A 265 -5.75 6.32 2.75
C LEU A 265 -6.51 7.56 3.28
N GLU A 266 -7.69 7.36 3.85
CA GLU A 266 -8.50 8.49 4.35
C GLU A 266 -8.54 8.60 5.88
N ASN A 267 -7.94 7.65 6.58
CA ASN A 267 -7.93 7.71 8.03
C ASN A 267 -7.36 9.05 8.50
N GLY A 268 -8.04 9.66 9.47
CA GLY A 268 -7.55 10.91 10.05
C GLY A 268 -8.19 12.15 9.41
N ILE A 269 -8.82 11.98 8.25
CA ILE A 269 -9.33 13.14 7.51
C ILE A 269 -10.80 13.36 7.72
N THR A 270 -11.15 14.61 8.03
CA THR A 270 -12.54 15.02 8.17
C THR A 270 -12.98 15.63 6.86
N PHE A 271 -13.98 15.03 6.21
CA PHE A 271 -14.53 15.58 4.97
C PHE A 271 -15.80 16.36 5.25
N PRO A 272 -15.79 17.66 4.92
CA PRO A 272 -16.98 18.54 5.09
C PRO A 272 -18.22 17.93 4.43
N LYS A 273 -19.44 18.20 4.92
CA LYS A 273 -20.64 17.59 4.30
C LYS A 273 -20.83 18.04 2.85
N ASP A 274 -20.27 19.19 2.51
CA ASP A 274 -20.31 19.72 1.16
C ASP A 274 -19.13 19.35 0.26
N ALA A 275 -18.25 18.50 0.75
CA ALA A 275 -17.09 18.07 -0.02
C ALA A 275 -17.56 17.29 -1.26
N PRO A 276 -16.74 17.29 -2.32
CA PRO A 276 -17.13 16.48 -3.48
C PRO A 276 -17.27 15.00 -3.10
N SER A 277 -18.11 14.28 -3.83
CA SER A 277 -18.13 12.82 -3.74
C SER A 277 -16.76 12.24 -4.08
N PRO A 278 -16.49 10.99 -3.66
CA PRO A 278 -15.24 10.35 -4.11
C PRO A 278 -15.15 10.20 -5.60
N PHE A 279 -13.96 10.35 -6.14
CA PHE A 279 -13.74 10.20 -7.55
C PHE A 279 -13.42 8.75 -7.89
N ILE A 280 -13.96 8.26 -8.99
CA ILE A 280 -13.50 6.97 -9.54
C ILE A 280 -12.86 7.23 -10.90
N PHE A 281 -11.54 7.09 -10.93
CA PHE A 281 -10.79 7.40 -12.15
C PHE A 281 -10.86 6.28 -13.16
N LYS A 282 -10.94 6.68 -14.43
CA LYS A 282 -10.84 5.73 -15.52
C LYS A 282 -9.41 5.31 -15.69
N THR A 283 -9.20 4.04 -16.05
CA THR A 283 -7.86 3.60 -16.41
C THR A 283 -7.46 4.11 -17.80
N LEU A 284 -6.18 4.03 -18.10
CA LEU A 284 -5.72 4.38 -19.46
C LEU A 284 -6.46 3.53 -20.48
N GLU A 285 -6.55 2.25 -20.18
CA GLU A 285 -7.24 1.34 -21.08
C GLU A 285 -8.71 1.75 -21.32
N GLU A 286 -9.43 2.12 -20.25
CA GLU A 286 -10.80 2.57 -20.41
C GLU A 286 -10.92 3.84 -21.23
N GLN A 287 -9.88 4.67 -21.24
CA GLN A 287 -9.89 5.91 -22.02
C GLN A 287 -9.35 5.76 -23.46
N GLY A 288 -8.86 4.58 -23.83
CA GLY A 288 -8.29 4.37 -25.15
C GLY A 288 -6.91 5.01 -25.27
N LEU A 289 -6.25 5.19 -24.11
CA LEU A 289 -4.95 5.88 -24.08
C LEU A 289 -3.79 4.93 -23.83
CHA HEM B . 6.72 -5.06 0.75
CHB HEM B . 6.22 -5.78 5.56
CHC HEM B . 1.49 -4.69 5.18
CHD HEM B . 2.15 -3.42 0.49
C1A HEM B . 7.00 -5.33 2.08
C2A HEM B . 8.28 -5.68 2.62
C3A HEM B . 8.16 -5.91 3.93
C4A HEM B . 6.79 -5.65 4.30
CMA HEM B . 9.28 -6.29 4.93
CAA HEM B . 9.57 -5.80 1.76
CBA HEM B . 10.15 -4.40 1.57
CGA HEM B . 11.39 -4.50 0.71
O1A HEM B . 12.28 -5.30 1.07
O2A HEM B . 11.49 -3.75 -0.30
C1B HEM B . 4.89 -5.59 5.82
C2B HEM B . 4.27 -5.90 7.09
C3B HEM B . 2.97 -5.62 6.99
C4B HEM B . 2.71 -5.14 5.65
CMB HEM B . 5.06 -6.42 8.29
CAB HEM B . 1.85 -5.74 8.02
CBB HEM B . 1.92 -6.58 9.08
C1C HEM B . 1.31 -4.15 3.91
C2C HEM B . 0.09 -3.51 3.45
C3C HEM B . 0.28 -3.09 2.14
C4C HEM B . 1.60 -3.53 1.74
CMC HEM B . -1.08 -3.29 4.39
CAC HEM B . -0.69 -2.36 1.21
CBC HEM B . -2.02 -2.47 1.23
C1D HEM B . 3.41 -3.85 0.13
C2D HEM B . 3.95 -3.92 -1.21
C3D HEM B . 5.21 -4.39 -1.13
C4D HEM B . 5.52 -4.61 0.24
CMD HEM B . 3.13 -3.55 -2.49
CAD HEM B . 6.18 -4.61 -2.33
CBD HEM B . 7.09 -3.39 -2.50
CGD HEM B . 8.08 -3.45 -3.65
O1D HEM B . 8.01 -4.40 -4.46
O2D HEM B . 8.98 -2.56 -3.76
NA HEM B . 6.09 -5.33 3.14
NB HEM B . 3.91 -5.14 4.95
NC HEM B . 2.20 -4.19 2.82
ND HEM B . 4.40 -4.32 0.99
FE HEM B . 4.10 -4.83 2.96
N01 7VS C . 6.10 -14.24 -2.74
N02 7VS C . 6.29 -13.19 -1.78
C03 7VS C . 6.01 -11.90 -2.12
C04 7VS C . 5.83 -11.52 -3.43
C05 7VS C . 5.59 -10.19 -3.74
N06 7VS C . 5.52 -9.21 -2.84
C07 7VS C . 5.71 -9.54 -1.53
C08 7VS C . 5.69 -8.50 -0.56
C09 7VS C . 5.82 -8.79 0.76
C10 7VS C . 6.06 -10.09 1.19
C11 7VS C . 6.12 -11.11 0.28
C12 7VS C . 5.97 -10.87 -1.11
#